data_6BJT
#
_entry.id   6BJT
#
_cell.length_a   71.465
_cell.length_b   74.977
_cell.length_c   96.221
_cell.angle_alpha   90.00
_cell.angle_beta   90.00
_cell.angle_gamma   90.00
#
_symmetry.space_group_name_H-M   'C 2 2 21'
#
loop_
_entity.id
_entity.type
_entity.pdbx_description
1 polymer 'DUF4440 domain-containing protein'
2 non-polymer 'ACETIC ACID'
3 non-polymer DI(HYDROXYETHYL)ETHER
4 non-polymer 1,2-ETHANEDIOL
5 water water
#
_entity_poly.entity_id   1
_entity_poly.type   'polypeptide(L)'
_entity_poly.pdbx_seq_one_letter_code
;MGSSHHHHHHHSSGLVPRGSHHMLEMQINLPEVHAEVTAQFVRYEKALTSNDTAVLNELFWNSPQTLRYGATENLYGYEA
IAGFRATRSPNNLEREIVRTVITTYGHDFATANIEFRRLSHSQLTGRQSQTWMRTSQGWRVVAAHVSLIALPVS
;
_entity_poly.pdbx_strand_id   A,B
#
loop_
_chem_comp.id
_chem_comp.type
_chem_comp.name
_chem_comp.formula
ACY non-polymer 'ACETIC ACID' 'C2 H4 O2'
EDO non-polymer 1,2-ETHANEDIOL 'C2 H6 O2'
PEG non-polymer DI(HYDROXYETHYL)ETHER 'C4 H10 O3'
#
# COMPACT_ATOMS: atom_id res chain seq x y z
N GLU A 25 -17.29 -12.61 6.51
CA GLU A 25 -17.76 -11.60 5.50
C GLU A 25 -17.55 -10.14 5.98
N MET A 26 -16.35 -9.64 5.78
CA MET A 26 -15.89 -8.34 6.37
C MET A 26 -16.75 -7.05 6.17
N GLN A 27 -17.28 -6.48 7.25
N GLN A 27 -17.37 -6.51 7.24
CA GLN A 27 -18.20 -5.31 7.15
CA GLN A 27 -18.24 -5.29 7.09
C GLN A 27 -17.43 -3.99 6.87
C GLN A 27 -17.43 -3.98 6.85
N ILE A 28 -17.83 -3.24 5.84
CA ILE A 28 -17.05 -2.14 5.32
C ILE A 28 -17.44 -0.83 6.02
N ASN A 29 -16.43 -0.13 6.53
CA ASN A 29 -16.63 1.22 7.10
C ASN A 29 -17.66 1.24 8.25
N LEU A 30 -17.55 0.29 9.15
CA LEU A 30 -18.29 0.35 10.39
C LEU A 30 -18.00 1.70 11.08
N PRO A 31 -19.06 2.36 11.63
CA PRO A 31 -18.84 3.77 11.95
C PRO A 31 -17.80 4.07 13.03
N GLU A 32 -17.80 3.29 14.09
CA GLU A 32 -16.86 3.48 15.19
C GLU A 32 -15.43 3.20 14.73
N VAL A 33 -15.24 2.15 13.93
CA VAL A 33 -13.96 1.70 13.47
C VAL A 33 -13.40 2.72 12.52
N HIS A 34 -14.24 3.20 11.59
CA HIS A 34 -13.81 4.12 10.59
C HIS A 34 -13.39 5.44 11.30
N ALA A 35 -14.17 5.90 12.27
CA ALA A 35 -13.78 7.14 13.02
C ALA A 35 -12.43 6.96 13.76
N GLU A 36 -12.29 5.84 14.44
CA GLU A 36 -11.05 5.52 15.14
C GLU A 36 -9.82 5.54 14.27
N VAL A 37 -9.90 4.85 13.14
CA VAL A 37 -8.79 4.79 12.22
C VAL A 37 -8.48 6.18 11.69
N THR A 38 -9.51 6.94 11.33
CA THR A 38 -9.35 8.29 10.82
C THR A 38 -8.58 9.16 11.86
N ALA A 39 -8.92 9.03 13.12
CA ALA A 39 -8.26 9.81 14.18
C ALA A 39 -6.76 9.44 14.27
N GLN A 40 -6.40 8.16 14.11
CA GLN A 40 -4.99 7.76 14.16
C GLN A 40 -4.24 8.23 12.92
N PHE A 41 -4.92 8.17 11.77
CA PHE A 41 -4.36 8.71 10.53
C PHE A 41 -4.05 10.18 10.64
N VAL A 42 -4.97 10.93 11.25
CA VAL A 42 -4.74 12.34 11.51
C VAL A 42 -3.56 12.56 12.46
N ARG A 43 -3.44 11.76 13.49
CA ARG A 43 -2.23 11.84 14.36
C ARG A 43 -0.97 11.60 13.57
N TYR A 44 -0.97 10.59 12.69
CA TYR A 44 0.18 10.33 11.87
C TYR A 44 0.56 11.53 10.99
N GLU A 45 -0.44 12.11 10.32
CA GLU A 45 -0.19 13.24 9.42
C GLU A 45 0.37 14.46 10.20
N LYS A 46 -0.19 14.72 11.35
CA LYS A 46 0.32 15.81 12.19
C LYS A 46 1.73 15.55 12.70
N ALA A 47 2.03 14.29 13.04
CA ALA A 47 3.41 13.95 13.44
C ALA A 47 4.40 14.10 12.28
N LEU A 48 3.94 13.77 11.07
CA LEU A 48 4.83 13.95 9.88
C LEU A 48 5.20 15.43 9.74
N THR A 49 4.22 16.31 9.82
CA THR A 49 4.47 17.73 9.60
C THR A 49 5.28 18.39 10.71
N SER A 50 5.18 17.91 11.94
CA SER A 50 5.94 18.42 13.05
C SER A 50 7.22 17.59 13.32
N ASN A 51 7.55 16.62 12.45
CA ASN A 51 8.64 15.68 12.67
C ASN A 51 8.68 15.10 14.06
N ASP A 52 7.52 14.65 14.52
CA ASP A 52 7.38 14.04 15.85
C ASP A 52 7.70 12.56 15.72
N THR A 53 9.00 12.26 15.75
CA THR A 53 9.47 10.93 15.45
C THR A 53 8.99 9.87 16.40
N ALA A 54 8.85 10.22 17.67
CA ALA A 54 8.30 9.30 18.63
C ALA A 54 6.92 8.78 18.22
N VAL A 55 6.05 9.68 17.76
CA VAL A 55 4.69 9.32 17.37
C VAL A 55 4.72 8.55 16.03
N LEU A 56 5.54 8.99 15.09
CA LEU A 56 5.69 8.26 13.83
C LEU A 56 6.13 6.83 14.05
N ASN A 57 7.08 6.62 14.99
CA ASN A 57 7.49 5.25 15.31
C ASN A 57 6.43 4.47 16.11
N GLU A 58 5.79 5.15 17.06
CA GLU A 58 4.73 4.52 17.87
C GLU A 58 3.69 3.89 16.97
N LEU A 59 3.34 4.59 15.89
CA LEU A 59 2.23 4.18 15.04
C LEU A 59 2.60 3.09 14.02
N PHE A 60 3.87 2.75 13.88
CA PHE A 60 4.26 1.66 12.98
C PHE A 60 4.31 0.35 13.77
N TRP A 61 3.84 -0.71 13.13
CA TRP A 61 3.77 -2.03 13.75
C TRP A 61 5.20 -2.49 14.09
N ASN A 62 5.41 -2.82 15.35
CA ASN A 62 6.74 -3.21 15.84
C ASN A 62 6.95 -4.70 15.54
N SER A 63 7.37 -4.97 14.33
CA SER A 63 7.58 -6.27 13.79
C SER A 63 8.68 -6.24 12.73
N PRO A 64 9.46 -7.32 12.62
CA PRO A 64 10.36 -7.45 11.48
C PRO A 64 9.62 -7.47 10.09
N GLN A 65 8.34 -7.79 10.07
CA GLN A 65 7.59 -7.91 8.81
C GLN A 65 7.17 -6.54 8.26
N THR A 66 7.04 -5.55 9.12
CA THR A 66 6.62 -4.21 8.74
C THR A 66 7.58 -3.65 7.69
N LEU A 67 7.07 -2.90 6.75
CA LEU A 67 7.95 -2.30 5.76
C LEU A 67 7.43 -0.97 5.26
N ARG A 68 8.37 -0.18 4.72
CA ARG A 68 8.05 1.11 4.27
C ARG A 68 8.79 1.43 3.01
N TYR A 69 8.02 1.61 1.94
CA TYR A 69 8.58 1.95 0.66
C TYR A 69 8.45 3.46 0.63
N GLY A 70 9.54 4.14 0.97
CA GLY A 70 9.57 5.61 1.05
C GLY A 70 9.73 6.24 -0.32
N ALA A 71 9.67 7.55 -0.34
CA ALA A 71 9.88 8.28 -1.56
C ALA A 71 11.28 8.06 -2.17
N THR A 72 12.27 7.78 -1.34
CA THR A 72 13.64 7.61 -1.80
C THR A 72 14.36 6.37 -1.28
N GLU A 73 13.70 5.46 -0.56
CA GLU A 73 14.37 4.31 0.01
C GLU A 73 13.34 3.23 0.33
N ASN A 74 13.80 1.97 0.42
CA ASN A 74 12.98 0.85 0.84
C ASN A 74 13.50 0.35 2.16
N LEU A 75 12.64 0.30 3.18
CA LEU A 75 13.07 -0.16 4.48
C LEU A 75 12.27 -1.35 4.92
N TYR A 76 12.96 -2.37 5.45
CA TYR A 76 12.34 -3.56 5.90
C TYR A 76 12.52 -3.79 7.40
N GLY A 77 11.40 -3.92 8.11
CA GLY A 77 11.35 -4.14 9.54
C GLY A 77 11.29 -2.86 10.35
N TYR A 78 10.55 -2.91 11.44
CA TYR A 78 10.45 -1.77 12.34
C TYR A 78 11.79 -1.15 12.74
N GLU A 79 12.79 -1.97 13.09
N GLU A 79 12.79 -1.96 13.09
CA GLU A 79 14.09 -1.41 13.56
CA GLU A 79 14.07 -1.37 13.58
C GLU A 79 14.70 -0.47 12.52
C GLU A 79 14.70 -0.46 12.52
N ALA A 80 14.65 -0.88 11.26
CA ALA A 80 15.17 -0.05 10.16
C ALA A 80 14.36 1.21 9.92
N ILE A 81 13.02 1.08 10.01
CA ILE A 81 12.17 2.23 9.78
C ILE A 81 12.39 3.26 10.90
N ALA A 82 12.43 2.76 12.15
CA ALA A 82 12.61 3.67 13.30
C ALA A 82 13.94 4.37 13.33
N GLY A 83 14.99 3.62 12.98
CA GLY A 83 16.35 4.15 12.81
C GLY A 83 16.41 5.20 11.76
N PHE A 84 15.78 4.94 10.63
CA PHE A 84 15.72 5.96 9.61
C PHE A 84 14.98 7.22 10.04
N ARG A 85 13.85 7.08 10.71
CA ARG A 85 13.14 8.30 11.11
C ARG A 85 13.92 9.15 12.10
N ALA A 86 14.54 8.44 13.04
CA ALA A 86 15.23 9.06 14.17
C ALA A 86 16.39 9.90 13.70
N THR A 87 17.00 9.52 12.58
CA THR A 87 18.21 10.15 12.12
C THR A 87 18.05 11.07 10.92
N ARG A 88 16.84 11.18 10.39
N ARG A 88 16.84 11.17 10.40
CA ARG A 88 16.59 12.03 9.25
CA ARG A 88 16.56 12.03 9.28
C ARG A 88 16.27 13.45 9.64
C ARG A 88 16.27 13.46 9.65
N SER A 89 16.27 14.28 8.61
CA SER A 89 16.01 15.68 8.75
C SER A 89 14.55 16.06 9.02
N PRO A 90 14.39 17.20 9.68
CA PRO A 90 13.14 17.91 9.90
C PRO A 90 12.83 18.63 8.61
N ASN A 91 12.42 17.83 7.66
CA ASN A 91 12.23 18.30 6.30
C ASN A 91 10.79 18.15 5.85
N ASN A 92 10.03 17.24 6.46
CA ASN A 92 8.75 16.90 5.86
C ASN A 92 7.75 18.08 5.81
N LEU A 93 7.69 18.66 4.62
CA LEU A 93 6.85 19.81 4.36
C LEU A 93 5.34 19.50 4.31
N GLU A 94 4.57 20.55 4.55
CA GLU A 94 3.12 20.53 4.50
C GLU A 94 2.57 20.12 3.14
N ARG A 95 1.40 19.51 3.17
CA ARG A 95 0.75 19.00 1.97
C ARG A 95 -0.59 19.61 1.84
N GLU A 96 -1.08 19.74 0.61
CA GLU A 96 -2.49 19.97 0.33
C GLU A 96 -3.04 18.62 -0.11
N ILE A 97 -4.15 18.20 0.49
CA ILE A 97 -4.70 16.87 0.22
C ILE A 97 -5.65 16.98 -0.91
N VAL A 98 -5.48 16.17 -1.92
CA VAL A 98 -6.36 16.18 -3.06
C VAL A 98 -7.54 15.26 -2.82
N ARG A 99 -7.26 14.05 -2.32
N ARG A 99 -7.26 14.07 -2.29
CA ARG A 99 -8.28 13.09 -2.11
CA ARG A 99 -8.25 13.08 -2.12
C ARG A 99 -7.80 12.15 -1.00
C ARG A 99 -7.79 12.16 -0.99
N THR A 100 -8.74 11.72 -0.17
CA THR A 100 -8.47 10.79 0.91
C THR A 100 -9.47 9.67 0.83
N VAL A 101 -8.97 8.43 0.91
CA VAL A 101 -9.85 7.26 0.97
C VAL A 101 -9.37 6.41 2.14
N ILE A 102 -10.21 6.34 3.18
CA ILE A 102 -9.95 5.52 4.36
C ILE A 102 -11.07 4.49 4.34
N THR A 103 -10.69 3.21 4.33
CA THR A 103 -11.62 2.11 4.29
C THR A 103 -11.28 1.16 5.41
N THR A 104 -12.31 0.72 6.15
CA THR A 104 -12.09 -0.27 7.20
C THR A 104 -12.81 -1.54 6.84
N TYR A 105 -12.27 -2.64 7.33
CA TYR A 105 -12.75 -4.01 7.00
C TYR A 105 -12.92 -4.72 8.30
N GLY A 106 -14.17 -4.97 8.66
CA GLY A 106 -14.44 -5.50 9.99
C GLY A 106 -13.98 -4.54 11.07
N HIS A 107 -13.56 -5.12 12.21
CA HIS A 107 -13.14 -4.31 13.34
C HIS A 107 -11.62 -4.07 13.43
N ASP A 108 -10.84 -4.82 12.69
CA ASP A 108 -9.38 -4.87 12.95
C ASP A 108 -8.45 -4.51 11.78
N PHE A 109 -8.99 -4.11 10.63
CA PHE A 109 -8.12 -3.82 9.48
C PHE A 109 -8.58 -2.59 8.74
N ALA A 110 -7.65 -1.88 8.11
CA ALA A 110 -7.99 -0.71 7.35
C ALA A 110 -6.92 -0.37 6.34
N THR A 111 -7.31 0.39 5.34
CA THR A 111 -6.41 1.06 4.45
C THR A 111 -6.67 2.55 4.45
N ALA A 112 -5.59 3.31 4.29
CA ALA A 112 -5.64 4.74 4.21
C ALA A 112 -4.81 5.16 3.03
N ASN A 113 -5.44 5.85 2.08
CA ASN A 113 -4.78 6.26 0.85
C ASN A 113 -5.04 7.74 0.56
N ILE A 114 -3.96 8.48 0.35
CA ILE A 114 -4.13 9.91 0.05
C ILE A 114 -3.32 10.29 -1.15
N GLU A 115 -3.89 11.21 -1.91
CA GLU A 115 -3.20 11.92 -2.98
C GLU A 115 -2.97 13.35 -2.47
N PHE A 116 -1.79 13.89 -2.71
CA PHE A 116 -1.41 15.18 -2.17
C PHE A 116 -0.50 15.97 -3.11
N ARG A 117 -0.36 17.24 -2.82
CA ARG A 117 0.61 18.10 -3.48
C ARG A 117 1.39 18.79 -2.37
N ARG A 118 2.70 18.83 -2.53
CA ARG A 118 3.53 19.52 -1.53
C ARG A 118 3.47 20.98 -1.89
N LEU A 119 3.21 21.81 -0.89
CA LEU A 119 3.06 23.25 -1.08
C LEU A 119 4.42 23.84 -1.36
N HIS A 121 6.28 23.66 -3.36
CA HIS A 121 7.51 22.96 -3.70
C HIS A 121 7.63 22.74 -5.20
N SER A 122 7.17 21.58 -5.70
CA SER A 122 7.27 21.25 -7.12
C SER A 122 5.88 20.97 -7.69
N GLN A 123 5.85 20.54 -8.94
CA GLN A 123 4.60 20.19 -9.61
C GLN A 123 4.28 18.68 -9.57
N LEU A 124 4.87 17.93 -8.66
CA LEU A 124 4.60 16.50 -8.57
C LEU A 124 3.35 16.19 -7.74
N THR A 125 2.72 15.05 -8.03
CA THR A 125 1.57 14.56 -7.27
C THR A 125 2.02 13.40 -6.40
N GLY A 126 1.83 13.55 -5.08
CA GLY A 126 2.21 12.54 -4.15
C GLY A 126 1.06 11.58 -3.86
N ARG A 127 1.42 10.33 -3.59
CA ARG A 127 0.48 9.30 -3.19
C ARG A 127 1.10 8.66 -1.96
N GLN A 128 0.28 8.45 -0.94
CA GLN A 128 0.72 7.76 0.24
C GLN A 128 -0.30 6.68 0.53
N SER A 129 0.16 5.45 0.69
N SER A 129 0.16 5.46 0.71
CA SER A 129 -0.73 4.33 1.03
CA SER A 129 -0.71 4.31 1.03
C SER A 129 -0.27 3.66 2.29
C SER A 129 -0.27 3.68 2.30
N GLN A 130 -1.21 3.29 3.15
CA GLN A 130 -0.94 2.57 4.38
C GLN A 130 -1.97 1.47 4.57
N THR A 131 -1.51 0.41 5.17
CA THR A 131 -2.41 -0.57 5.68
C THR A 131 -2.24 -0.63 7.20
N TRP A 132 -3.38 -0.64 7.89
CA TRP A 132 -3.43 -0.60 9.33
C TRP A 132 -4.08 -1.84 9.91
N MET A 133 -3.58 -2.29 11.05
CA MET A 133 -4.13 -3.37 11.80
C MET A 133 -4.32 -2.98 13.26
N ARG A 134 -5.38 -3.47 13.88
CA ARG A 134 -5.63 -3.21 15.30
C ARG A 134 -4.91 -4.28 16.12
N THR A 135 -3.77 -3.92 16.67
CA THR A 135 -2.95 -4.82 17.46
C THR A 135 -3.43 -4.73 18.93
N SER A 136 -2.77 -5.50 19.81
CA SER A 136 -3.14 -5.43 21.23
C SER A 136 -2.69 -4.13 21.86
N GLN A 137 -1.85 -3.35 21.17
CA GLN A 137 -1.53 -1.99 21.57
C GLN A 137 -2.14 -0.87 20.78
N GLY A 138 -3.15 -1.17 19.97
CA GLY A 138 -3.90 -0.18 19.21
C GLY A 138 -3.57 -0.31 17.72
N TRP A 139 -4.13 0.62 16.96
CA TRP A 139 -3.96 0.65 15.53
C TRP A 139 -2.52 0.96 15.16
N ARG A 140 -1.96 0.15 14.27
CA ARG A 140 -0.61 0.28 13.79
C ARG A 140 -0.53 0.10 12.29
N VAL A 141 0.41 0.81 11.66
CA VAL A 141 0.71 0.65 10.27
C VAL A 141 1.55 -0.59 10.05
N VAL A 142 1.07 -1.52 9.21
CA VAL A 142 1.82 -2.76 8.95
C VAL A 142 2.65 -2.66 7.65
N ALA A 143 2.30 -1.76 6.75
CA ALA A 143 3.00 -1.56 5.52
C ALA A 143 2.61 -0.22 4.94
N ALA A 144 3.55 0.47 4.33
CA ALA A 144 3.27 1.77 3.77
C ALA A 144 4.13 2.01 2.52
N HIS A 145 3.64 2.89 1.65
CA HIS A 145 4.30 3.21 0.36
C HIS A 145 3.98 4.65 0.01
N VAL A 146 5.02 5.43 -0.28
N VAL A 146 5.03 5.43 -0.28
CA VAL A 146 4.82 6.78 -0.73
CA VAL A 146 4.85 6.79 -0.72
C VAL A 146 5.65 7.02 -1.99
C VAL A 146 5.65 7.01 -2.00
N SER A 147 5.07 7.75 -2.93
CA SER A 147 5.76 8.06 -4.18
C SER A 147 5.22 9.36 -4.74
N LEU A 148 6.06 10.01 -5.55
CA LEU A 148 5.71 11.27 -6.23
C LEU A 148 5.85 11.10 -7.73
N ILE A 149 4.84 11.46 -8.50
CA ILE A 149 4.85 11.30 -9.94
C ILE A 149 4.44 12.58 -10.62
N ALA A 150 4.78 12.68 -11.91
CA ALA A 150 4.45 13.86 -12.70
C ALA A 150 3.21 13.55 -13.44
N LEU A 151 2.14 14.26 -13.13
CA LEU A 151 0.94 14.08 -13.89
C LEU A 151 0.75 15.26 -14.80
N PRO A 152 0.18 15.01 -15.98
CA PRO A 152 -0.09 16.14 -16.87
C PRO A 152 -1.12 17.10 -16.29
N VAL A 153 -0.93 18.39 -16.52
CA VAL A 153 -1.95 19.41 -16.27
C VAL A 153 -2.40 19.92 -17.62
N MET B 23 -6.26 -13.91 19.07
CA MET B 23 -5.42 -12.68 18.91
C MET B 23 -4.63 -12.71 17.57
N LEU B 24 -4.81 -11.65 16.79
CA LEU B 24 -4.23 -11.48 15.47
C LEU B 24 -2.73 -11.57 15.37
N GLU B 25 -2.03 -11.02 16.35
CA GLU B 25 -0.56 -11.08 16.41
C GLU B 25 -0.02 -12.48 16.81
N MET B 26 -0.86 -13.37 17.29
CA MET B 26 -0.54 -14.79 17.34
C MET B 26 -0.96 -15.48 16.04
N GLN B 27 -1.37 -14.72 15.00
CA GLN B 27 -1.86 -15.35 13.74
C GLN B 27 -1.27 -14.63 12.54
N ILE B 28 0.02 -14.34 12.65
CA ILE B 28 0.82 -13.86 11.53
C ILE B 28 1.36 -15.01 10.70
N ASN B 29 1.12 -14.96 9.40
CA ASN B 29 1.66 -15.94 8.45
C ASN B 29 1.26 -17.39 8.81
N LEU B 30 0.00 -17.59 9.18
CA LEU B 30 -0.47 -18.95 9.33
C LEU B 30 -0.21 -19.69 7.97
N PRO B 31 0.40 -20.88 8.00
CA PRO B 31 0.87 -21.43 6.73
C PRO B 31 -0.19 -21.71 5.68
N GLU B 32 -1.37 -22.15 6.06
CA GLU B 32 -2.45 -22.39 5.10
C GLU B 32 -2.96 -21.09 4.44
N VAL B 33 -3.02 -20.03 5.25
CA VAL B 33 -3.51 -18.74 4.74
C VAL B 33 -2.44 -18.13 3.82
N HIS B 34 -1.19 -18.21 4.28
CA HIS B 34 -0.07 -17.67 3.53
C HIS B 34 0.04 -18.38 2.20
N ALA B 35 -0.16 -19.69 2.16
CA ALA B 35 -0.19 -20.45 0.88
C ALA B 35 -1.27 -19.94 -0.09
N GLU B 36 -2.48 -19.77 0.44
CA GLU B 36 -3.58 -19.25 -0.40
C GLU B 36 -3.27 -17.90 -1.03
N VAL B 37 -2.83 -16.96 -0.19
CA VAL B 37 -2.54 -15.64 -0.70
C VAL B 37 -1.40 -15.68 -1.72
N THR B 38 -0.36 -16.43 -1.42
CA THR B 38 0.78 -16.54 -2.29
C THR B 38 0.35 -17.09 -3.66
N ALA B 39 -0.55 -18.08 -3.68
CA ALA B 39 -0.98 -18.64 -4.96
C ALA B 39 -1.72 -17.62 -5.82
N GLN B 40 -2.53 -16.75 -5.18
CA GLN B 40 -3.25 -15.74 -5.93
C GLN B 40 -2.29 -14.62 -6.40
N PHE B 41 -1.32 -14.31 -5.58
CA PHE B 41 -0.27 -13.35 -5.97
C PHE B 41 0.52 -13.82 -7.17
N VAL B 42 0.84 -15.11 -7.17
CA VAL B 42 1.50 -15.72 -8.34
C VAL B 42 0.64 -15.62 -9.58
N ARG B 43 -0.66 -15.88 -9.45
CA ARG B 43 -1.55 -15.68 -10.61
C ARG B 43 -1.56 -14.25 -11.10
N TYR B 44 -1.58 -13.30 -10.17
CA TYR B 44 -1.56 -11.89 -10.53
C TYR B 44 -0.28 -11.53 -11.31
N GLU B 45 0.85 -11.96 -10.82
CA GLU B 45 2.13 -11.65 -11.46
C GLU B 45 2.20 -12.24 -12.87
N LYS B 46 1.74 -13.45 -13.04
CA LYS B 46 1.71 -14.07 -14.36
C LYS B 46 0.75 -13.37 -15.30
N ALA B 47 -0.40 -12.91 -14.78
CA ALA B 47 -1.34 -12.16 -15.59
C ALA B 47 -0.78 -10.81 -15.99
N LEU B 48 -0.03 -10.19 -15.10
CA LEU B 48 0.55 -8.88 -15.37
C LEU B 48 1.51 -8.98 -16.54
N THR B 49 2.39 -9.99 -16.49
CA THR B 49 3.42 -10.13 -17.52
C THR B 49 2.86 -10.54 -18.88
N SER B 50 1.76 -11.29 -18.92
CA SER B 50 1.15 -11.70 -20.14
C SER B 50 -0.03 -10.77 -20.54
N ASN B 51 -0.23 -9.63 -19.85
CA ASN B 51 -1.39 -8.79 -20.03
C ASN B 51 -2.73 -9.51 -20.12
N ASP B 52 -2.95 -10.45 -19.20
CA ASP B 52 -4.21 -11.21 -19.08
C ASP B 52 -5.20 -10.39 -18.26
N THR B 53 -5.86 -9.47 -18.94
CA THR B 53 -6.66 -8.47 -18.26
C THR B 53 -7.84 -9.05 -17.52
N ALA B 54 -8.41 -10.14 -18.04
CA ALA B 54 -9.48 -10.81 -17.37
C ALA B 54 -9.09 -11.20 -15.93
N VAL B 55 -7.89 -11.77 -15.78
CA VAL B 55 -7.41 -12.22 -14.48
C VAL B 55 -7.03 -11.03 -13.61
N LEU B 56 -6.38 -10.04 -14.19
CA LEU B 56 -6.04 -8.82 -13.44
C LEU B 56 -7.29 -8.16 -12.87
N ASN B 57 -8.37 -8.10 -13.65
CA ASN B 57 -9.63 -7.56 -13.14
C ASN B 57 -10.32 -8.50 -12.15
N GLU B 58 -10.30 -9.81 -12.43
CA GLU B 58 -10.90 -10.78 -11.53
C GLU B 58 -10.36 -10.59 -10.10
N LEU B 59 -9.06 -10.37 -10.01
CA LEU B 59 -8.39 -10.37 -8.74
C LEU B 59 -8.48 -9.04 -7.97
N PHE B 60 -9.04 -8.00 -8.57
CA PHE B 60 -9.25 -6.72 -7.85
C PHE B 60 -10.65 -6.74 -7.26
N TRP B 61 -10.76 -6.24 -6.05
CA TRP B 61 -12.00 -6.15 -5.35
C TRP B 61 -12.98 -5.27 -6.12
N ASN B 62 -14.14 -5.85 -6.42
CA ASN B 62 -15.16 -5.15 -7.23
C ASN B 62 -15.98 -4.26 -6.34
N SER B 63 -15.45 -3.07 -6.10
CA SER B 63 -16.01 -2.09 -5.20
C SER B 63 -15.65 -0.69 -5.66
N PRO B 64 -16.55 0.27 -5.45
CA PRO B 64 -16.12 1.68 -5.65
C PRO B 64 -14.97 2.14 -4.72
N GLN B 65 -14.71 1.43 -3.62
CA GLN B 65 -13.64 1.82 -2.68
C GLN B 65 -12.25 1.43 -3.15
N THR B 66 -12.18 0.38 -3.98
CA THR B 66 -10.88 -0.14 -4.45
C THR B 66 -10.16 0.97 -5.21
N LEU B 67 -8.85 0.99 -5.08
CA LEU B 67 -8.08 1.98 -5.80
C LEU B 67 -6.71 1.50 -6.21
N ARG B 68 -6.15 2.16 -7.21
CA ARG B 68 -4.85 1.81 -7.69
C ARG B 68 -4.06 3.04 -8.04
N TYR B 69 -2.96 3.22 -7.34
CA TYR B 69 -2.05 4.28 -7.59
C TYR B 69 -1.00 3.71 -8.49
N GLY B 70 -1.15 3.90 -9.79
CA GLY B 70 -0.23 3.32 -10.77
C GLY B 70 1.01 4.11 -10.93
N ALA B 71 1.93 3.57 -11.73
CA ALA B 71 3.13 4.31 -12.04
C ALA B 71 2.88 5.67 -12.74
N THR B 72 1.78 5.80 -13.46
CA THR B 72 1.48 7.02 -14.21
C THR B 72 0.08 7.58 -14.06
N GLU B 73 -0.75 7.04 -13.15
CA GLU B 73 -2.13 7.48 -13.02
C GLU B 73 -2.67 7.06 -11.65
N ASN B 74 -3.67 7.76 -11.16
CA ASN B 74 -4.38 7.39 -9.92
C ASN B 74 -5.78 7.01 -10.26
N LEU B 75 -6.20 5.80 -9.95
CA LEU B 75 -7.54 5.34 -10.32
C LEU B 75 -8.36 4.95 -9.13
N TYR B 76 -9.59 5.45 -9.06
CA TYR B 76 -10.46 5.21 -7.95
C TYR B 76 -11.70 4.42 -8.40
N GLY B 77 -11.94 3.28 -7.73
CA GLY B 77 -13.00 2.39 -8.01
C GLY B 77 -12.68 1.30 -9.03
N TYR B 78 -13.26 0.14 -8.82
CA TYR B 78 -13.05 -0.99 -9.74
C TYR B 78 -13.36 -0.63 -11.20
N GLU B 79 -14.46 0.08 -11.47
N GLU B 79 -14.49 0.04 -11.44
CA GLU B 79 -14.81 0.35 -12.89
CA GLU B 79 -14.88 0.42 -12.82
C GLU B 79 -13.76 1.15 -13.59
C GLU B 79 -13.76 1.14 -13.56
N ALA B 80 -13.17 2.13 -12.90
CA ALA B 80 -12.04 2.89 -13.48
C ALA B 80 -10.77 2.07 -13.71
N ILE B 81 -10.47 1.18 -12.76
CA ILE B 81 -9.28 0.35 -12.88
C ILE B 81 -9.47 -0.63 -14.05
N ALA B 82 -10.66 -1.23 -14.13
CA ALA B 82 -10.91 -2.22 -15.23
C ALA B 82 -10.91 -1.56 -16.62
N GLY B 83 -11.48 -0.37 -16.70
CA GLY B 83 -11.42 0.51 -17.88
C GLY B 83 -10.00 0.82 -18.30
N PHE B 84 -9.19 1.20 -17.36
CA PHE B 84 -7.77 1.43 -17.63
C PHE B 84 -7.07 0.15 -18.11
N ARG B 85 -7.32 -1.00 -17.52
CA ARG B 85 -6.60 -2.19 -18.00
C ARG B 85 -6.98 -2.54 -19.45
N ALA B 86 -8.25 -2.36 -19.79
CA ALA B 86 -8.75 -2.51 -21.18
C ALA B 86 -7.97 -1.77 -22.24
N THR B 87 -7.49 -0.58 -21.94
CA THR B 87 -6.86 0.25 -22.95
C THR B 87 -5.35 0.38 -22.80
N ARG B 88 -4.77 -0.26 -21.81
CA ARG B 88 -3.32 -0.10 -21.58
C ARG B 88 -2.50 -0.89 -22.58
N SER B 89 -1.38 -0.34 -22.99
CA SER B 89 -0.48 -1.05 -23.90
C SER B 89 0.25 -2.26 -23.28
N PRO B 90 0.31 -3.38 -24.01
CA PRO B 90 1.00 -4.55 -23.46
C PRO B 90 2.53 -4.47 -23.56
N ASN B 91 3.12 -3.31 -23.87
CA ASN B 91 4.55 -3.20 -24.11
C ASN B 91 5.28 -2.74 -22.86
N ASN B 92 6.54 -3.17 -22.72
CA ASN B 92 7.37 -2.84 -21.58
C ASN B 92 6.77 -3.25 -20.23
N LEU B 93 6.15 -4.43 -20.17
CA LEU B 93 5.54 -4.93 -18.95
C LEU B 93 6.46 -5.87 -18.16
N GLU B 94 7.37 -6.57 -18.85
CA GLU B 94 8.19 -7.62 -18.24
C GLU B 94 9.14 -7.04 -17.17
N ARG B 95 9.40 -7.84 -16.15
CA ARG B 95 10.21 -7.37 -15.06
C ARG B 95 10.73 -8.53 -14.27
N GLU B 96 11.80 -8.31 -13.54
CA GLU B 96 12.30 -9.32 -12.63
C GLU B 96 12.00 -8.87 -11.22
N ILE B 97 11.44 -9.76 -10.41
CA ILE B 97 11.23 -9.52 -8.99
C ILE B 97 12.49 -9.73 -8.20
N VAL B 98 12.85 -8.74 -7.41
CA VAL B 98 14.07 -8.69 -6.65
C VAL B 98 13.87 -9.14 -5.23
N ARG B 99 12.71 -8.85 -4.66
CA ARG B 99 12.45 -9.14 -3.28
C ARG B 99 10.92 -9.21 -3.11
N THR B 100 10.47 -10.10 -2.26
CA THR B 100 9.03 -10.33 -2.04
C THR B 100 8.80 -10.46 -0.57
N VAL B 101 7.76 -9.79 -0.06
CA VAL B 101 7.32 -10.01 1.31
C VAL B 101 5.79 -10.09 1.25
N ILE B 102 5.25 -11.26 1.54
CA ILE B 102 3.81 -11.49 1.69
C ILE B 102 3.60 -11.78 3.15
N THR B 103 2.68 -11.05 3.76
CA THR B 103 2.33 -11.23 5.16
C THR B 103 0.83 -11.41 5.28
N THR B 104 0.38 -12.38 6.05
CA THR B 104 -0.99 -12.58 6.32
C THR B 104 -1.30 -12.33 7.77
N TYR B 105 -2.51 -11.86 8.01
CA TYR B 105 -2.97 -11.50 9.36
C TYR B 105 -4.28 -12.16 9.61
N GLY B 106 -4.26 -13.14 10.52
CA GLY B 106 -5.43 -13.96 10.74
C GLY B 106 -5.75 -14.76 9.49
N HIS B 107 -7.04 -15.00 9.27
CA HIS B 107 -7.46 -15.83 8.12
C HIS B 107 -7.87 -15.07 6.85
N ASP B 108 -8.12 -13.77 6.98
CA ASP B 108 -8.85 -13.03 5.96
C ASP B 108 -8.16 -11.79 5.38
N PHE B 109 -6.93 -11.49 5.80
CA PHE B 109 -6.28 -10.26 5.37
C PHE B 109 -4.83 -10.48 5.10
N ALA B 110 -4.27 -9.71 4.18
CA ALA B 110 -2.85 -9.84 3.84
C ALA B 110 -2.31 -8.63 3.13
N THR B 111 -0.99 -8.51 3.15
CA THR B 111 -0.28 -7.57 2.28
C THR B 111 0.75 -8.30 1.45
N ALA B 112 0.97 -7.80 0.26
CA ALA B 112 1.97 -8.34 -0.65
C ALA B 112 2.79 -7.17 -1.17
N ASN B 113 4.10 -7.21 -0.92
CA ASN B 113 5.00 -6.15 -1.33
C ASN B 113 6.20 -6.70 -2.11
N ILE B 114 6.52 -6.11 -3.25
CA ILE B 114 7.64 -6.56 -4.04
C ILE B 114 8.45 -5.36 -4.50
N GLU B 115 9.75 -5.62 -4.64
CA GLU B 115 10.67 -4.80 -5.40
C GLU B 115 10.98 -5.50 -6.72
N PHE B 116 11.07 -4.73 -7.78
CA PHE B 116 11.31 -5.24 -9.10
C PHE B 116 12.19 -4.33 -9.92
N ARG B 117 12.70 -4.87 -11.02
CA ARG B 117 13.46 -4.11 -11.99
C ARG B 117 12.90 -4.46 -13.34
N ARG B 118 12.67 -3.46 -14.16
CA ARG B 118 12.14 -3.72 -15.48
C ARG B 118 13.32 -4.08 -16.33
N LEU B 119 13.14 -5.15 -17.10
CA LEU B 119 14.17 -5.58 -18.08
C LEU B 119 14.61 -4.43 -19.03
N SER B 120 13.76 -3.40 -19.16
CA SER B 120 14.05 -2.21 -19.97
C SER B 120 14.81 -1.11 -19.20
N HIS B 121 14.07 -0.31 -18.43
CA HIS B 121 14.58 0.89 -17.75
C HIS B 121 15.62 0.58 -16.68
N SER B 122 16.86 0.91 -17.01
CA SER B 122 18.05 0.61 -16.18
C SER B 122 18.29 1.31 -14.82
N GLN B 123 18.02 2.61 -14.69
CA GLN B 123 18.39 3.31 -13.46
C GLN B 123 17.25 3.43 -12.43
N LEU B 124 16.14 2.71 -12.61
CA LEU B 124 15.05 2.78 -11.64
C LEU B 124 14.79 1.42 -10.98
N THR B 125 14.35 1.42 -9.73
CA THR B 125 13.82 0.22 -9.09
C THR B 125 12.36 0.44 -8.77
N GLY B 126 11.58 -0.58 -9.00
CA GLY B 126 10.13 -0.49 -8.87
C GLY B 126 9.72 -1.12 -7.54
N ARG B 127 8.61 -0.61 -7.00
CA ARG B 127 8.00 -1.14 -5.80
C ARG B 127 6.53 -1.30 -6.14
N GLN B 128 5.96 -2.42 -5.73
CA GLN B 128 4.57 -2.66 -5.88
C GLN B 128 4.04 -3.14 -4.55
N SER B 129 2.97 -2.47 -4.07
N SER B 129 2.94 -2.52 -4.09
CA SER B 129 2.31 -2.84 -2.83
CA SER B 129 2.32 -2.86 -2.82
C SER B 129 0.86 -3.19 -3.09
C SER B 129 0.85 -3.16 -3.06
N GLN B 130 0.35 -4.22 -2.41
CA GLN B 130 -1.06 -4.56 -2.46
C GLN B 130 -1.54 -4.92 -1.07
N THR B 131 -2.81 -4.71 -0.86
CA THR B 131 -3.48 -5.21 0.30
C THR B 131 -4.61 -6.13 -0.22
N TRP B 132 -4.72 -7.33 0.36
CA TRP B 132 -5.63 -8.33 -0.05
C TRP B 132 -6.60 -8.73 1.07
N MET B 133 -7.84 -9.02 0.69
CA MET B 133 -8.87 -9.41 1.61
C MET B 133 -9.58 -10.66 1.07
N ARG B 134 -10.01 -11.55 1.99
CA ARG B 134 -10.75 -12.72 1.59
C ARG B 134 -12.24 -12.35 1.51
N THR B 135 -12.75 -12.21 0.31
CA THR B 135 -14.16 -11.93 0.07
C THR B 135 -14.93 -13.26 -0.06
N SER B 136 -16.26 -13.16 -0.26
CA SER B 136 -17.09 -14.34 -0.46
C SER B 136 -16.81 -14.96 -1.84
N GLN B 137 -16.08 -14.26 -2.71
CA GLN B 137 -15.59 -14.87 -3.96
C GLN B 137 -14.11 -15.14 -4.04
N GLY B 138 -13.42 -15.11 -2.91
CA GLY B 138 -12.01 -15.44 -2.86
C GLY B 138 -11.19 -14.17 -2.51
N TRP B 139 -9.88 -14.34 -2.56
CA TRP B 139 -8.96 -13.30 -2.20
C TRP B 139 -8.96 -12.26 -3.33
N ARG B 140 -9.05 -10.99 -2.92
CA ARG B 140 -9.09 -9.86 -3.81
C ARG B 140 -8.23 -8.74 -3.32
N VAL B 141 -7.65 -7.99 -4.27
CA VAL B 141 -6.88 -6.80 -3.96
C VAL B 141 -7.80 -5.63 -3.66
N VAL B 142 -7.67 -5.04 -2.47
CA VAL B 142 -8.50 -3.90 -2.11
C VAL B 142 -7.84 -2.53 -2.39
N ALA B 143 -6.53 -2.51 -2.52
CA ALA B 143 -5.81 -1.27 -2.82
C ALA B 143 -4.42 -1.64 -3.27
N ALA B 144 -3.87 -0.87 -4.20
CA ALA B 144 -2.56 -1.14 -4.68
C ALA B 144 -1.84 0.15 -5.06
N HIS B 145 -0.51 0.07 -5.11
CA HIS B 145 0.38 1.24 -5.36
C HIS B 145 1.65 0.74 -6.00
N VAL B 146 2.00 1.33 -7.14
CA VAL B 146 3.22 1.03 -7.84
C VAL B 146 3.97 2.31 -8.13
N SER B 147 5.29 2.27 -7.92
CA SER B 147 6.13 3.45 -8.21
C SER B 147 7.53 3.01 -8.55
N LEU B 148 8.25 3.86 -9.25
CA LEU B 148 9.66 3.62 -9.60
C LEU B 148 10.52 4.74 -9.05
N ILE B 149 11.62 4.40 -8.41
CA ILE B 149 12.53 5.39 -7.85
C ILE B 149 13.97 5.10 -8.29
N ALA B 150 14.82 6.09 -8.19
CA ALA B 150 16.18 5.99 -8.64
C ALA B 150 16.94 5.17 -7.63
N LEU B 151 17.68 4.21 -8.13
CA LEU B 151 18.52 3.43 -7.29
C LEU B 151 19.87 4.15 -7.14
N PRO B 152 20.36 4.29 -5.91
CA PRO B 152 21.65 4.97 -5.72
C PRO B 152 22.78 4.36 -6.53
C ACY C . 4.08 6.43 5.51
O ACY C . 3.01 6.23 6.07
OXT ACY C . 5.17 6.68 6.03
CH3 ACY C . 4.05 6.42 4.08
C ACY D . -1.16 -3.32 -9.07
O ACY D . -1.02 -4.16 -8.21
OXT ACY D . -1.69 -3.55 -10.16
CH3 ACY D . -0.75 -1.91 -8.77
C1 PEG E . 5.89 -22.30 7.03
O1 PEG E . 6.79 -22.39 8.14
C2 PEG E . 6.24 -21.11 6.15
O2 PEG E . 5.16 -20.18 6.01
C3 PEG E . 5.60 -19.01 5.28
C4 PEG E . 5.53 -17.75 6.14
O4 PEG E . 6.67 -16.91 6.00
C1 EDO F . 6.52 -15.76 10.66
O1 EDO F . 7.22 -14.96 9.71
C2 EDO F . 5.92 -14.92 11.77
O2 EDO F . 5.01 -15.74 12.53
#